data_3HNB
#
_entry.id   3HNB
#
_cell.length_a   42.054
_cell.length_b   55.775
_cell.length_c   67.971
_cell.angle_alpha   90.000
_cell.angle_beta   90.000
_cell.angle_gamma   90.000
#
_symmetry.space_group_name_H-M   'P 21 21 21'
#
loop_
_entity.id
_entity.type
_entity.pdbx_description
1 polymer 'Coagulation factor VIII'
2 non-polymer (2R)-1-(2,4-dichlorophenoxy)-3-[(2E)-2-imino-3-(2-piperidin-1-ylethyl)-2,3-dihydro-1H-benzimidazol-1-yl]propan-2-ol
3 water water
#
_entity_poly.entity_id   1
_entity_poly.type   'polypeptide(L)'
_entity_poly.pdbx_seq_one_letter_code
;DLNSCSMPLGMESKAISDAQITASSYFTNMFATWSPSKARLHLQGRSNAWRPQVNNPKEWLQVDFQKTMKVTGVTTQGVK
SLLTSMYVKEFLISSSQDGHQWTLFFQNGKVKVFQGNQDSFTPVVNSLDPPLLTRYLRIHPQSWVHQIALRMEVLGCEA
;
_entity_poly.pdbx_strand_id   M
#
# COMPACT_ATOMS: atom_id res chain seq x y z
N SER A 4 -19.00 -5.58 -9.38
CA SER A 4 -19.77 -4.62 -8.65
C SER A 4 -19.15 -4.16 -7.29
N CYS A 5 -17.95 -4.66 -6.92
CA CYS A 5 -17.30 -4.21 -5.70
C CYS A 5 -15.81 -4.03 -5.94
N SER A 6 -15.45 -3.15 -6.87
N SER A 6 -15.51 -3.17 -6.91
CA SER A 6 -14.03 -2.91 -7.15
CA SER A 6 -14.15 -2.89 -7.37
C SER A 6 -13.73 -1.44 -7.39
C SER A 6 -13.95 -1.39 -7.59
N MET A 7 -14.43 -0.58 -6.64
CA MET A 7 -14.29 0.87 -6.76
C MET A 7 -13.03 1.33 -6.04
N PRO A 8 -12.27 2.26 -6.65
CA PRO A 8 -11.13 2.85 -5.94
C PRO A 8 -11.63 3.62 -4.72
N LEU A 9 -11.06 3.35 -3.55
CA LEU A 9 -11.58 3.94 -2.33
C LEU A 9 -11.13 5.38 -2.06
N GLY A 10 -9.99 5.79 -2.61
CA GLY A 10 -9.65 7.20 -2.48
C GLY A 10 -8.19 7.59 -2.34
N MET A 11 -7.26 6.68 -2.59
CA MET A 11 -5.85 7.04 -2.54
C MET A 11 -5.52 8.04 -3.65
N GLU A 12 -5.89 7.73 -4.88
CA GLU A 12 -5.60 8.63 -6.00
C GLU A 12 -6.43 9.92 -5.94
N SER A 13 -7.71 9.80 -5.61
CA SER A 13 -8.61 10.96 -5.64
C SER A 13 -8.44 11.86 -4.44
N LYS A 14 -7.74 11.38 -3.42
N LYS A 14 -7.74 11.36 -3.43
CA LYS A 14 -7.55 12.11 -2.14
CA LYS A 14 -7.51 12.03 -2.14
C LYS A 14 -8.84 12.17 -1.30
C LYS A 14 -8.75 12.04 -1.23
N ALA A 15 -9.76 11.25 -1.59
CA ALA A 15 -10.91 11.02 -0.72
C ALA A 15 -10.44 10.37 0.59
N ILE A 16 -9.34 9.63 0.53
CA ILE A 16 -8.60 9.23 1.73
C ILE A 16 -7.60 10.35 2.01
N SER A 17 -7.76 11.04 3.14
N SER A 17 -7.77 11.01 3.16
CA SER A 17 -6.93 12.20 3.46
CA SER A 17 -6.95 12.16 3.55
C SER A 17 -5.55 11.81 3.97
C SER A 17 -5.53 11.78 3.93
N ASP A 18 -4.62 12.76 3.95
CA ASP A 18 -3.24 12.52 4.33
C ASP A 18 -3.13 11.91 5.74
N ALA A 19 -3.95 12.41 6.66
CA ALA A 19 -3.93 11.95 8.05
C ALA A 19 -4.25 10.46 8.23
N GLN A 20 -5.00 9.92 7.26
CA GLN A 20 -5.42 8.52 7.27
C GLN A 20 -4.31 7.55 6.84
N ILE A 21 -3.18 8.06 6.38
CA ILE A 21 -2.10 7.23 5.86
C ILE A 21 -0.88 7.41 6.74
N THR A 22 -0.40 6.31 7.31
CA THR A 22 0.74 6.34 8.24
C THR A 22 1.70 5.21 7.90
N ALA A 23 2.81 5.09 8.60
CA ALA A 23 3.78 4.05 8.30
C ALA A 23 4.67 3.78 9.50
N SER A 24 5.41 2.68 9.44
CA SER A 24 6.41 2.35 10.44
C SER A 24 7.51 3.43 10.54
N SER A 25 7.88 4.00 9.40
CA SER A 25 8.92 5.02 9.30
C SER A 25 8.81 5.63 7.90
N TYR A 26 9.51 6.73 7.68
CA TYR A 26 9.65 7.26 6.32
C TYR A 26 10.98 7.97 6.13
N PHE A 27 11.42 8.02 4.89
CA PHE A 27 12.71 8.58 4.51
C PHE A 27 12.59 10.05 4.16
N THR A 28 13.46 10.85 4.75
CA THR A 28 13.52 12.26 4.42
C THR A 28 14.98 12.73 4.37
N ASN A 29 15.32 13.46 3.30
CA ASN A 29 16.62 14.14 3.19
C ASN A 29 16.42 15.55 2.64
N MET A 30 17.48 16.22 2.25
CA MET A 30 17.37 17.59 1.72
C MET A 30 16.67 17.63 0.36
N PHE A 31 16.72 16.50 -0.34
CA PHE A 31 16.14 16.38 -1.68
C PHE A 31 14.63 16.15 -1.64
N ALA A 32 14.18 15.21 -0.80
CA ALA A 32 12.78 14.79 -0.81
C ALA A 32 12.29 14.30 0.55
N THR A 33 10.98 14.29 0.73
CA THR A 33 10.34 13.80 1.95
C THR A 33 9.30 12.80 1.51
N TRP A 34 9.61 11.52 1.68
CA TRP A 34 8.83 10.43 1.11
C TRP A 34 7.79 9.95 2.13
N SER A 35 6.88 10.87 2.47
N SER A 35 6.94 10.87 2.56
CA SER A 35 5.87 10.71 3.52
CA SER A 35 6.03 10.61 3.67
C SER A 35 4.89 9.59 3.19
C SER A 35 4.91 9.67 3.24
N PRO A 36 4.31 8.97 4.22
CA PRO A 36 3.27 7.97 3.93
C PRO A 36 2.14 8.48 3.04
N SER A 37 1.73 9.73 3.22
CA SER A 37 0.62 10.26 2.44
C SER A 37 0.98 10.56 0.97
N LYS A 38 2.23 10.33 0.60
CA LYS A 38 2.62 10.40 -0.82
C LYS A 38 2.39 9.07 -1.56
N ALA A 39 1.89 8.05 -0.86
CA ALA A 39 1.73 6.71 -1.44
C ALA A 39 0.46 6.57 -2.28
N ARG A 40 0.28 7.47 -3.24
CA ARG A 40 -0.97 7.57 -3.97
C ARG A 40 -0.75 7.23 -5.43
N LEU A 41 -1.56 6.30 -5.95
CA LEU A 41 -1.42 5.86 -7.33
C LEU A 41 -1.34 7.05 -8.27
N HIS A 42 -0.31 7.01 -9.14
CA HIS A 42 -0.08 7.99 -10.21
C HIS A 42 0.37 9.37 -9.75
N LEU A 43 0.68 9.53 -8.46
CA LEU A 43 1.06 10.84 -7.95
C LEU A 43 2.35 11.30 -8.62
N GLN A 44 2.37 12.58 -8.96
CA GLN A 44 3.52 13.22 -9.57
C GLN A 44 4.18 14.20 -8.60
N GLY A 45 5.41 14.60 -8.92
CA GLY A 45 6.14 15.56 -8.10
C GLY A 45 7.46 14.99 -7.63
N ARG A 46 8.26 15.80 -6.96
CA ARG A 46 9.54 15.28 -6.48
C ARG A 46 9.42 14.26 -5.34
N SER A 47 8.48 14.49 -4.43
CA SER A 47 8.24 13.57 -3.33
C SER A 47 6.92 12.89 -3.61
N ASN A 48 6.96 11.82 -4.41
CA ASN A 48 5.72 11.24 -4.91
C ASN A 48 5.57 9.75 -4.65
N ALA A 49 6.08 9.28 -3.51
CA ALA A 49 5.87 7.91 -3.04
C ALA A 49 6.20 7.85 -1.56
N TRP A 50 5.72 6.81 -0.89
CA TRP A 50 6.24 6.46 0.42
C TRP A 50 7.50 5.64 0.28
N ARG A 51 8.53 5.99 1.05
CA ARG A 51 9.71 5.18 1.22
C ARG A 51 9.97 5.08 2.72
N PRO A 52 10.24 3.87 3.23
CA PRO A 52 10.62 3.74 4.64
C PRO A 52 12.03 4.30 4.89
N GLN A 53 12.33 4.55 6.15
CA GLN A 53 13.63 5.11 6.53
C GLN A 53 14.77 4.16 6.20
N VAL A 54 14.51 2.86 6.31
CA VAL A 54 15.46 1.81 5.94
C VAL A 54 14.73 0.75 5.11
N ASN A 55 15.48 0.04 4.26
CA ASN A 55 14.90 -1.05 3.46
C ASN A 55 15.03 -2.42 4.15
N ASN A 56 13.93 -2.89 4.68
N ASN A 56 13.91 -2.88 4.69
CA ASN A 56 13.86 -4.22 5.26
CA ASN A 56 13.83 -4.09 5.52
C ASN A 56 12.40 -4.61 5.51
C ASN A 56 12.36 -4.59 5.61
N PRO A 57 12.13 -5.92 5.62
CA PRO A 57 10.73 -6.40 5.78
C PRO A 57 10.00 -6.05 7.09
N LYS A 58 10.66 -5.35 8.01
CA LYS A 58 9.98 -4.90 9.22
C LYS A 58 9.16 -3.62 8.96
N GLU A 59 9.20 -3.11 7.73
CA GLU A 59 8.56 -1.82 7.40
C GLU A 59 7.15 -2.03 6.84
N TRP A 60 6.27 -1.06 7.08
CA TRP A 60 4.89 -1.16 6.61
C TRP A 60 4.27 0.21 6.41
N LEU A 61 3.28 0.22 5.54
CA LEU A 61 2.44 1.38 5.24
C LEU A 61 1.02 1.03 5.67
N GLN A 62 0.35 1.96 6.33
CA GLN A 62 -0.97 1.75 6.90
C GLN A 62 -2.00 2.75 6.35
N VAL A 63 -3.20 2.27 6.05
N VAL A 63 -3.21 2.26 6.05
CA VAL A 63 -4.33 3.14 5.72
CA VAL A 63 -4.34 3.13 5.71
C VAL A 63 -5.47 2.86 6.71
C VAL A 63 -5.55 2.85 6.62
N ASP A 64 -6.09 3.93 7.19
CA ASP A 64 -7.24 3.86 8.08
C ASP A 64 -8.44 4.42 7.32
N PHE A 65 -9.42 3.58 6.98
CA PHE A 65 -10.61 4.03 6.26
C PHE A 65 -11.59 4.81 7.16
N GLN A 66 -11.38 4.73 8.47
N GLN A 66 -11.40 4.75 8.47
CA GLN A 66 -12.21 5.36 9.51
CA GLN A 66 -12.25 5.42 9.47
C GLN A 66 -13.64 4.80 9.61
C GLN A 66 -13.59 4.73 9.73
N LYS A 67 -13.82 3.62 9.02
CA LYS A 67 -14.99 2.76 9.20
C LYS A 67 -14.62 1.44 8.52
N THR A 68 -15.40 0.40 8.78
CA THR A 68 -15.17 -0.89 8.13
C THR A 68 -15.65 -0.86 6.68
N MET A 69 -14.78 -1.33 5.78
CA MET A 69 -15.04 -1.40 4.34
C MET A 69 -14.81 -2.84 3.86
N LYS A 70 -15.33 -3.16 2.67
CA LYS A 70 -15.06 -4.43 2.00
C LYS A 70 -13.98 -4.21 0.96
N VAL A 71 -12.83 -4.83 1.14
CA VAL A 71 -11.67 -4.68 0.28
C VAL A 71 -11.55 -5.91 -0.62
N THR A 72 -11.59 -5.68 -1.93
CA THR A 72 -11.50 -6.77 -2.89
C THR A 72 -10.20 -6.75 -3.69
N GLY A 73 -9.43 -5.68 -3.55
CA GLY A 73 -8.18 -5.62 -4.26
C GLY A 73 -7.29 -4.50 -3.75
N VAL A 74 -6.01 -4.65 -4.02
N VAL A 74 -6.00 -4.62 -4.09
CA VAL A 74 -5.09 -3.55 -3.84
CA VAL A 74 -4.97 -3.65 -3.74
C VAL A 74 -4.29 -3.40 -5.12
C VAL A 74 -4.02 -3.42 -4.94
N THR A 75 -3.92 -2.17 -5.40
CA THR A 75 -3.11 -1.83 -6.56
C THR A 75 -1.83 -1.19 -6.07
N THR A 76 -0.69 -1.61 -6.61
CA THR A 76 0.59 -1.05 -6.21
C THR A 76 1.36 -0.56 -7.42
N GLN A 77 2.28 0.36 -7.15
CA GLN A 77 3.11 0.97 -8.13
C GLN A 77 4.39 1.35 -7.37
N GLY A 78 5.50 1.42 -8.07
CA GLY A 78 6.75 1.92 -7.52
C GLY A 78 6.91 3.40 -7.82
N VAL A 79 8.15 3.84 -7.95
CA VAL A 79 8.42 5.20 -8.39
C VAL A 79 9.78 5.27 -9.06
N LYS A 80 9.84 6.08 -10.12
N LYS A 80 9.89 6.11 -10.09
CA LYS A 80 11.06 6.46 -10.80
CA LYS A 80 11.14 6.38 -10.77
C LYS A 80 11.47 7.79 -10.18
C LYS A 80 11.63 7.77 -10.37
N SER A 81 12.58 7.82 -9.44
CA SER A 81 13.10 9.06 -8.89
C SER A 81 14.37 9.40 -9.62
N LEU A 82 14.30 10.46 -10.41
CA LEU A 82 15.38 10.86 -11.32
C LEU A 82 15.61 9.70 -12.30
N LEU A 83 16.78 9.07 -12.27
CA LEU A 83 17.06 7.96 -13.17
C LEU A 83 16.98 6.61 -12.46
N THR A 84 16.52 6.60 -11.21
CA THR A 84 16.55 5.40 -10.38
C THR A 84 15.18 4.76 -10.21
N SER A 85 15.08 3.51 -10.62
CA SER A 85 13.87 2.70 -10.45
C SER A 85 13.79 2.15 -9.04
N MET A 86 12.61 2.23 -8.43
CA MET A 86 12.39 1.70 -7.09
C MET A 86 11.01 1.06 -7.08
N TYR A 87 10.90 -0.20 -6.68
CA TYR A 87 9.60 -0.82 -6.60
C TYR A 87 9.60 -2.06 -5.72
N VAL A 88 8.43 -2.37 -5.18
CA VAL A 88 8.21 -3.54 -4.36
C VAL A 88 7.77 -4.69 -5.25
N LYS A 89 8.46 -5.82 -5.11
CA LYS A 89 8.20 -7.03 -5.89
C LYS A 89 7.23 -7.99 -5.24
N GLU A 90 7.24 -8.06 -3.91
CA GLU A 90 6.40 -8.99 -3.15
C GLU A 90 6.04 -8.33 -1.84
N PHE A 91 4.84 -8.61 -1.33
CA PHE A 91 4.39 -8.02 -0.08
C PHE A 91 3.35 -8.89 0.59
N LEU A 92 3.17 -8.65 1.88
CA LEU A 92 2.09 -9.24 2.67
C LEU A 92 1.07 -8.16 3.00
N ILE A 93 -0.15 -8.57 3.35
N ILE A 93 -0.13 -8.60 3.41
CA ILE A 93 -1.17 -7.66 3.85
CA ILE A 93 -1.23 -7.74 3.82
C ILE A 93 -1.58 -8.11 5.25
C ILE A 93 -1.73 -8.12 5.22
N SER A 94 -1.77 -7.14 6.13
CA SER A 94 -2.45 -7.38 7.40
C SER A 94 -3.58 -6.38 7.58
N SER A 95 -4.52 -6.70 8.46
CA SER A 95 -5.72 -5.90 8.64
C SER A 95 -6.16 -5.85 10.08
N SER A 96 -7.00 -4.89 10.40
CA SER A 96 -7.51 -4.71 11.74
C SER A 96 -8.82 -3.95 11.71
N GLN A 97 -9.71 -4.22 12.65
CA GLN A 97 -10.86 -3.37 12.89
C GLN A 97 -10.63 -2.33 13.98
N ASP A 98 -9.77 -2.64 14.95
CA ASP A 98 -9.58 -1.75 16.09
C ASP A 98 -8.27 -0.98 16.07
N GLY A 99 -7.35 -1.36 15.20
CA GLY A 99 -6.07 -0.69 15.07
C GLY A 99 -4.99 -1.23 15.99
N HIS A 100 -5.35 -2.21 16.81
CA HIS A 100 -4.41 -2.81 17.77
C HIS A 100 -4.10 -4.26 17.52
N GLN A 101 -5.10 -5.03 17.10
N GLN A 101 -5.09 -5.04 17.12
CA GLN A 101 -4.93 -6.45 16.81
CA GLN A 101 -4.84 -6.42 16.80
C GLN A 101 -5.03 -6.69 15.31
C GLN A 101 -4.95 -6.60 15.31
N TRP A 102 -4.00 -7.32 14.75
CA TRP A 102 -3.85 -7.41 13.31
C TRP A 102 -3.87 -8.86 12.90
N THR A 103 -4.27 -9.10 11.65
CA THR A 103 -4.38 -10.44 11.10
C THR A 103 -3.76 -10.45 9.71
N LEU A 104 -2.82 -11.35 9.48
CA LEU A 104 -2.27 -11.54 8.14
C LEU A 104 -3.27 -12.19 7.20
N PHE A 105 -3.27 -11.74 5.96
CA PHE A 105 -4.12 -12.32 4.94
C PHE A 105 -3.57 -13.66 4.49
N PHE A 106 -4.42 -14.69 4.63
CA PHE A 106 -4.08 -16.08 4.31
C PHE A 106 -4.67 -16.53 2.99
N GLN A 107 -3.92 -17.41 2.32
CA GLN A 107 -4.42 -18.10 1.13
C GLN A 107 -3.73 -19.47 0.97
N ASN A 108 -4.50 -20.48 0.55
CA ASN A 108 -3.98 -21.83 0.34
C ASN A 108 -3.11 -22.35 1.50
N GLY A 109 -3.57 -22.04 2.73
CA GLY A 109 -2.99 -22.60 3.94
C GLY A 109 -1.83 -21.87 4.59
N LYS A 110 -1.46 -20.70 4.06
CA LYS A 110 -0.32 -19.95 4.58
C LYS A 110 -0.53 -18.47 4.34
N VAL A 111 0.29 -17.64 4.96
CA VAL A 111 0.30 -16.20 4.68
C VAL A 111 0.52 -15.98 3.17
N LYS A 112 -0.37 -15.19 2.57
CA LYS A 112 -0.30 -14.91 1.14
C LYS A 112 0.84 -13.94 0.83
N VAL A 113 1.75 -14.38 -0.03
CA VAL A 113 2.78 -13.51 -0.56
C VAL A 113 2.32 -12.97 -1.91
N PHE A 114 1.84 -11.73 -1.90
CA PHE A 114 1.36 -11.06 -3.11
C PHE A 114 2.51 -10.73 -4.03
N GLN A 115 2.34 -11.02 -5.32
CA GLN A 115 3.30 -10.68 -6.33
C GLN A 115 2.98 -9.29 -6.84
N GLY A 116 3.94 -8.38 -6.67
CA GLY A 116 3.72 -6.96 -6.95
C GLY A 116 4.27 -6.51 -8.28
N ASN A 117 5.10 -5.48 -8.24
CA ASN A 117 5.49 -4.77 -9.45
C ASN A 117 6.69 -5.36 -10.18
N GLN A 118 6.78 -5.02 -11.46
CA GLN A 118 7.87 -5.42 -12.36
C GLN A 118 8.53 -4.19 -13.00
N ASP A 119 8.13 -3.00 -12.57
CA ASP A 119 8.72 -1.75 -12.99
C ASP A 119 8.24 -0.69 -12.02
N SER A 120 8.66 0.54 -12.25
N SER A 120 8.66 0.55 -12.26
CA SER A 120 8.39 1.64 -11.33
CA SER A 120 8.41 1.65 -11.32
C SER A 120 7.07 2.37 -11.58
C SER A 120 7.28 2.58 -11.75
N PHE A 121 6.56 2.22 -12.80
CA PHE A 121 5.49 3.11 -13.29
C PHE A 121 4.16 2.44 -13.62
N THR A 122 4.17 1.12 -13.83
CA THR A 122 2.94 0.44 -14.21
C THR A 122 2.22 -0.13 -12.98
N PRO A 123 0.93 0.17 -12.80
CA PRO A 123 0.20 -0.43 -11.68
C PRO A 123 0.00 -1.93 -11.85
N VAL A 124 -0.03 -2.64 -10.71
CA VAL A 124 -0.39 -4.06 -10.67
C VAL A 124 -1.52 -4.21 -9.67
N VAL A 125 -2.60 -4.86 -10.11
CA VAL A 125 -3.76 -5.11 -9.26
C VAL A 125 -3.70 -6.52 -8.70
N ASN A 126 -3.87 -6.64 -7.39
CA ASN A 126 -3.95 -7.93 -6.70
C ASN A 126 -5.29 -8.09 -6.04
N SER A 127 -6.02 -9.13 -6.43
N SER A 127 -6.05 -9.09 -6.44
N SER A 127 -6.02 -9.13 -6.42
CA SER A 127 -7.33 -9.43 -5.85
CA SER A 127 -7.34 -9.38 -5.83
CA SER A 127 -7.32 -9.44 -5.86
C SER A 127 -7.21 -10.08 -4.47
C SER A 127 -7.15 -9.97 -4.45
C SER A 127 -7.21 -10.08 -4.48
N LEU A 128 -8.15 -9.75 -3.59
CA LEU A 128 -8.23 -10.35 -2.27
C LEU A 128 -9.52 -11.18 -2.29
N ASP A 129 -9.34 -12.50 -2.25
N ASP A 129 -9.37 -12.50 -2.23
CA ASP A 129 -10.44 -13.45 -2.27
CA ASP A 129 -10.51 -13.38 -2.24
C ASP A 129 -10.20 -14.51 -1.19
C ASP A 129 -10.26 -14.53 -1.27
N PRO A 130 -11.18 -14.72 -0.29
CA PRO A 130 -12.40 -13.94 -0.07
C PRO A 130 -12.11 -12.48 0.27
N PRO A 131 -13.06 -11.57 0.00
CA PRO A 131 -12.88 -10.16 0.34
C PRO A 131 -12.56 -9.97 1.80
N LEU A 132 -11.84 -8.90 2.06
CA LEU A 132 -11.37 -8.56 3.39
C LEU A 132 -12.25 -7.46 3.98
N LEU A 133 -12.95 -7.73 5.08
CA LEU A 133 -13.78 -6.71 5.73
C LEU A 133 -12.93 -6.10 6.82
N THR A 134 -12.57 -4.84 6.67
N THR A 134 -12.61 -4.83 6.69
CA THR A 134 -11.59 -4.23 7.56
CA THR A 134 -11.67 -4.21 7.61
C THR A 134 -11.71 -2.72 7.60
C THR A 134 -11.79 -2.70 7.64
N ARG A 135 -11.28 -2.12 8.72
CA ARG A 135 -11.14 -0.67 8.83
C ARG A 135 -9.71 -0.23 8.46
N TYR A 136 -8.69 -1.02 8.84
CA TYR A 136 -7.31 -0.68 8.62
C TYR A 136 -6.64 -1.72 7.73
N LEU A 137 -5.73 -1.27 6.89
N LEU A 137 -5.64 -1.28 6.98
CA LEU A 137 -4.99 -2.16 6.05
CA LEU A 137 -4.84 -2.12 6.09
C LEU A 137 -3.52 -1.75 6.13
C LEU A 137 -3.35 -1.84 6.33
N ARG A 138 -2.64 -2.74 6.31
N ARG A 138 -2.49 -2.87 6.29
CA ARG A 138 -1.19 -2.56 6.24
CA ARG A 138 -1.06 -2.62 6.27
C ARG A 138 -0.61 -3.38 5.09
C ARG A 138 -0.41 -3.46 5.21
N ILE A 139 0.39 -2.79 4.40
CA ILE A 139 1.17 -3.46 3.37
C ILE A 139 2.59 -3.62 3.89
N HIS A 140 3.11 -4.85 3.80
CA HIS A 140 4.40 -5.24 4.35
C HIS A 140 5.34 -5.69 3.21
N PRO A 141 6.16 -4.78 2.67
CA PRO A 141 7.08 -5.17 1.59
C PRO A 141 8.04 -6.29 2.03
N GLN A 142 8.18 -7.29 1.17
CA GLN A 142 9.03 -8.46 1.43
C GLN A 142 10.26 -8.48 0.54
N SER A 143 10.10 -8.06 -0.71
CA SER A 143 11.22 -7.96 -1.62
C SER A 143 11.01 -6.78 -2.53
N TRP A 144 12.10 -6.26 -3.07
CA TRP A 144 12.05 -5.01 -3.81
C TRP A 144 13.22 -4.90 -4.76
N VAL A 145 13.08 -4.04 -5.75
CA VAL A 145 14.20 -3.70 -6.60
C VAL A 145 14.79 -2.37 -6.17
N HIS A 146 16.04 -2.45 -5.70
N HIS A 146 16.06 -2.44 -5.77
N HIS A 146 16.09 -2.36 -5.87
CA HIS A 146 16.87 -1.29 -5.29
CA HIS A 146 16.86 -1.34 -5.22
CA HIS A 146 16.80 -1.13 -5.43
C HIS A 146 16.47 -0.53 -4.02
C HIS A 146 16.35 -0.79 -3.88
C HIS A 146 16.40 -0.72 -4.00
N GLN A 147 15.21 -0.11 -3.91
CA GLN A 147 14.69 0.55 -2.68
C GLN A 147 13.21 0.24 -2.60
N ILE A 148 12.68 0.24 -1.38
CA ILE A 148 11.23 0.15 -1.19
C ILE A 148 10.59 1.50 -1.50
N ALA A 149 9.68 1.51 -2.46
CA ALA A 149 8.87 2.69 -2.74
C ALA A 149 7.48 2.25 -3.14
N LEU A 150 6.46 2.92 -2.64
CA LEU A 150 5.08 2.56 -2.92
C LEU A 150 4.18 3.74 -3.24
N ARG A 151 3.39 3.57 -4.30
CA ARG A 151 2.15 4.31 -4.52
C ARG A 151 1.07 3.26 -4.64
N MET A 152 -0.11 3.53 -4.09
N MET A 152 -0.11 3.52 -4.11
CA MET A 152 -1.16 2.50 -4.06
CA MET A 152 -1.13 2.48 -4.09
C MET A 152 -2.57 3.02 -4.31
C MET A 152 -2.57 2.99 -4.21
N GLU A 153 -3.48 2.05 -4.46
CA GLU A 153 -4.91 2.28 -4.42
C GLU A 153 -5.52 1.06 -3.73
N VAL A 154 -6.69 1.25 -3.13
CA VAL A 154 -7.46 0.16 -2.54
C VAL A 154 -8.77 0.10 -3.31
N LEU A 155 -9.20 -1.13 -3.64
N LEU A 155 -9.19 -1.12 -3.65
CA LEU A 155 -10.43 -1.36 -4.40
CA LEU A 155 -10.45 -1.32 -4.37
C LEU A 155 -11.44 -2.07 -3.51
C LEU A 155 -11.42 -2.02 -3.44
N GLY A 156 -12.70 -1.66 -3.56
CA GLY A 156 -13.73 -2.34 -2.80
C GLY A 156 -15.07 -1.68 -2.82
N CYS A 157 -15.79 -1.79 -1.71
CA CYS A 157 -17.12 -1.24 -1.58
C CYS A 157 -17.51 -1.26 -0.09
N GLU A 158 -18.78 -1.03 0.19
CA GLU A 158 -19.23 -0.94 1.57
C GLU A 158 -19.23 -2.33 2.22
N ALA A 159 -19.09 -2.35 3.54
CA ALA A 159 -19.01 -3.62 4.27
C ALA A 159 -20.34 -4.36 4.33
#